data_5FZH
#
_entry.id   5FZH
#
_cell.length_a   144.130
_cell.length_b   144.130
_cell.length_c   154.160
_cell.angle_alpha   90.00
_cell.angle_beta   90.00
_cell.angle_gamma   120.00
#
_symmetry.space_group_name_H-M   'P 65 2 2'
#
loop_
_entity.id
_entity.type
_entity.pdbx_description
1 polymer 'LYSINE-SPECIFIC DEMETHYLASE 5B'
2 non-polymer 'ZINC ION'
3 non-polymer 'DIMETHYL SULFOXIDE'
4 non-polymer 'MANGANESE (II) ION'
5 non-polymer '4-(2-HYDROXYETHYL)-1-PIPERAZINE ETHANESULFONIC ACID'
6 non-polymer 1,2-ETHANEDIOL
7 non-polymer 'CHLORIDE ION'
8 non-polymer (3R)-5-fluoro-3-hydroxy-1,3-dihydro-2H-indol-2-one
9 water water
#
_entity_poly.entity_id   1
_entity_poly.type   'polypeptide(L)'
_entity_poly.pdbx_seq_one_letter_code
;SMFLPPPECPVFEPSWEEFADPFAFIHKIRPIAEQTGICKVRPPPDWQPPFACDVDKLHFTPRIQRLNELEAQTRVKLGG
GGARDYTLRTFGEMADAFKSDYFNMPVHMVPTELVEKEFWRLVSTIEEDVTVEYGADIASKEFGSGFPVRDGKIKLSPEE
EEYLDSGWNLNNMPVMEQSVLAHITADICGMKLPWLYVGMCFSSFCWHIEDHWSYSINYLHWGEPKTWYGVPGYAAEQLE
NVMKKLAPELFVSQPDLLHQLVTIMNPNTLMTHEVPVYRTNQCAGEFVITFPRAYHSGFNQGFNFAEAVNFCTVDWLPLG
RQCVEHYRLLHRYCVFSHDEMICKMASKADVLDVVVASTVQKDMAIMIEDEKALRETVRKLGVIDSERMDFELLPDDERQ
CVKCKTTCFMSAISCSCKPGLLVCLHHVKELCSCPPYKYKLRYRYTLDDLYPMMNALKLRAESYNEWALNVNEALEAKI
;
_entity_poly.pdbx_strand_id   A
#
loop_
_chem_comp.id
_chem_comp.type
_chem_comp.name
_chem_comp.formula
0TI non-polymer (3R)-5-fluoro-3-hydroxy-1,3-dihydro-2H-indol-2-one 'C8 H6 F N O2'
CL non-polymer 'CHLORIDE ION' 'Cl -1'
DMS non-polymer 'DIMETHYL SULFOXIDE' 'C2 H6 O S'
EDO non-polymer 1,2-ETHANEDIOL 'C2 H6 O2'
EPE non-polymer '4-(2-HYDROXYETHYL)-1-PIPERAZINE ETHANESULFONIC ACID' 'C8 H18 N2 O4 S'
MN non-polymer 'MANGANESE (II) ION' 'Mn 2'
ZN non-polymer 'ZINC ION' 'Zn 2'
#
# COMPACT_ATOMS: atom_id res chain seq x y z
N SER A 1 -27.51 6.42 -22.08
CA SER A 1 -26.80 5.77 -20.99
C SER A 1 -26.10 6.77 -20.08
N MET A 2 -26.30 6.69 -18.78
CA MET A 2 -25.50 7.56 -17.94
C MET A 2 -24.30 6.82 -17.32
N PHE A 3 -24.30 5.48 -17.25
CA PHE A 3 -23.06 4.75 -16.84
C PHE A 3 -22.76 3.53 -17.70
N LEU A 4 -21.62 3.56 -18.40
CA LEU A 4 -21.12 2.41 -19.15
C LEU A 4 -20.04 1.67 -18.34
N PRO A 5 -20.37 0.47 -17.83
CA PRO A 5 -19.37 -0.26 -17.03
C PRO A 5 -18.07 -0.52 -17.81
N PRO A 6 -16.91 -0.31 -17.16
CA PRO A 6 -15.63 -0.67 -17.78
C PRO A 6 -15.57 -2.17 -18.07
N PRO A 7 -14.70 -2.59 -19.00
CA PRO A 7 -14.48 -4.02 -19.23
C PRO A 7 -13.99 -4.74 -17.97
N GLU A 8 -14.27 -6.04 -17.89
CA GLU A 8 -13.92 -6.86 -16.74
C GLU A 8 -12.42 -7.15 -16.67
N CYS A 9 -11.85 -7.17 -15.47
CA CYS A 9 -10.43 -7.53 -15.30
C CYS A 9 -10.28 -9.05 -15.38
N PRO A 10 -9.03 -9.56 -15.54
CA PRO A 10 -8.76 -11.02 -15.55
C PRO A 10 -9.20 -11.77 -14.28
N VAL A 11 -9.69 -13.00 -14.44
CA VAL A 11 -10.02 -13.86 -13.32
C VAL A 11 -9.25 -15.17 -13.40
N PHE A 12 -8.58 -15.54 -12.33
CA PHE A 12 -7.77 -16.74 -12.30
C PHE A 12 -8.38 -17.76 -11.35
N GLU A 13 -8.38 -19.01 -11.80
CA GLU A 13 -8.76 -20.17 -10.99
C GLU A 13 -7.62 -21.19 -11.00
N PRO A 14 -6.68 -21.04 -10.06
CA PRO A 14 -5.55 -21.96 -9.89
C PRO A 14 -5.97 -23.33 -9.35
N SER A 15 -5.25 -24.38 -9.79
CA SER A 15 -5.35 -25.71 -9.19
C SER A 15 -4.67 -25.72 -7.84
N TRP A 16 -4.90 -26.76 -7.04
N TRP A 16 -4.90 -26.75 -7.03
CA TRP A 16 -4.25 -26.91 -5.75
CA TRP A 16 -4.20 -26.86 -5.75
C TRP A 16 -2.72 -26.86 -5.86
C TRP A 16 -2.70 -26.73 -5.92
N GLU A 17 -2.19 -27.30 -7.01
CA GLU A 17 -0.75 -27.27 -7.25
C GLU A 17 -0.23 -25.83 -7.44
N GLU A 18 -0.91 -25.06 -8.29
CA GLU A 18 -0.55 -23.66 -8.56
C GLU A 18 -0.69 -22.81 -7.30
N PHE A 19 -1.77 -23.05 -6.58
CA PHE A 19 -2.16 -22.32 -5.38
C PHE A 19 -1.26 -22.59 -4.18
N ALA A 20 -0.43 -23.63 -4.27
CA ALA A 20 0.48 -23.99 -3.18
C ALA A 20 1.40 -22.83 -2.82
N ASP A 21 2.08 -22.27 -3.80
CA ASP A 21 2.95 -21.12 -3.55
C ASP A 21 2.44 -19.81 -4.18
N PRO A 22 1.99 -18.88 -3.31
CA PRO A 22 1.45 -17.56 -3.68
C PRO A 22 2.40 -16.79 -4.58
N PHE A 23 3.67 -16.69 -4.18
CA PHE A 23 4.62 -15.87 -4.92
C PHE A 23 4.96 -16.45 -6.28
N ALA A 24 4.99 -17.78 -6.38
CA ALA A 24 5.19 -18.40 -7.68
C ALA A 24 4.01 -18.08 -8.59
N PHE A 25 2.81 -18.23 -8.04
CA PHE A 25 1.59 -17.94 -8.80
C PHE A 25 1.48 -16.48 -9.27
N ILE A 26 1.75 -15.56 -8.37
CA ILE A 26 1.69 -14.14 -8.72
C ILE A 26 2.72 -13.81 -9.80
N HIS A 27 3.90 -14.43 -9.72
CA HIS A 27 4.91 -14.25 -10.75
C HIS A 27 4.44 -14.81 -12.10
N LYS A 28 3.68 -15.91 -12.06
CA LYS A 28 3.11 -16.47 -13.28
C LYS A 28 2.09 -15.53 -13.97
N ILE A 29 1.07 -15.09 -13.24
CA ILE A 29 0.03 -14.27 -13.84
C ILE A 29 0.49 -12.83 -14.15
N ARG A 30 1.63 -12.43 -13.59
CA ARG A 30 2.10 -11.05 -13.69
C ARG A 30 2.08 -10.41 -15.08
N PRO A 31 2.56 -11.13 -16.12
CA PRO A 31 2.54 -10.48 -17.44
C PRO A 31 1.14 -10.12 -17.94
N ILE A 32 0.13 -10.87 -17.52
CA ILE A 32 -1.26 -10.54 -17.89
C ILE A 32 -1.83 -9.45 -16.98
N ALA A 33 -1.82 -9.72 -15.68
CA ALA A 33 -2.47 -8.89 -14.69
C ALA A 33 -1.86 -7.49 -14.58
N GLU A 34 -0.60 -7.33 -14.91
CA GLU A 34 -0.02 -6.00 -14.79
C GLU A 34 -0.47 -5.10 -15.96
N GLN A 35 -1.10 -5.71 -16.96
CA GLN A 35 -1.68 -4.95 -18.08
C GLN A 35 -3.02 -4.32 -17.68
N THR A 36 -3.62 -4.85 -16.62
CA THR A 36 -4.92 -4.36 -16.15
C THR A 36 -4.91 -3.80 -14.73
N GLY A 37 -3.79 -3.91 -14.03
CA GLY A 37 -3.67 -3.25 -12.74
C GLY A 37 -4.22 -4.06 -11.58
N ILE A 38 -5.44 -4.56 -11.72
CA ILE A 38 -6.01 -5.44 -10.70
C ILE A 38 -6.34 -6.78 -11.35
N CYS A 39 -6.51 -7.82 -10.54
CA CYS A 39 -7.03 -9.09 -11.02
C CYS A 39 -7.66 -9.82 -9.87
N LYS A 40 -8.50 -10.80 -10.17
CA LYS A 40 -9.21 -11.53 -9.14
C LYS A 40 -8.68 -12.96 -9.12
N VAL A 41 -8.59 -13.54 -7.93
CA VAL A 41 -8.13 -14.92 -7.78
C VAL A 41 -9.14 -15.73 -7.01
N ARG A 42 -9.65 -16.79 -7.64
CA ARG A 42 -10.59 -17.67 -6.93
C ARG A 42 -9.84 -18.90 -6.41
N PRO A 43 -9.86 -19.11 -5.09
CA PRO A 43 -9.14 -20.28 -4.61
C PRO A 43 -9.83 -21.59 -5.06
N PRO A 44 -9.13 -22.73 -4.98
CA PRO A 44 -9.74 -24.06 -5.05
C PRO A 44 -10.91 -24.22 -4.07
N PRO A 45 -11.93 -25.02 -4.44
CA PRO A 45 -13.20 -25.19 -3.70
C PRO A 45 -12.99 -25.69 -2.27
N ASP A 46 -11.95 -26.52 -2.14
CA ASP A 46 -11.44 -27.10 -0.89
C ASP A 46 -11.12 -26.02 0.12
N TRP A 47 -10.22 -25.13 -0.33
CA TRP A 47 -9.68 -24.04 0.48
C TRP A 47 -10.78 -23.20 1.08
N GLN A 48 -11.07 -23.42 2.36
CA GLN A 48 -12.13 -22.72 3.03
C GLN A 48 -11.71 -22.45 4.45
N PRO A 49 -11.00 -21.33 4.66
CA PRO A 49 -10.56 -20.93 5.99
C PRO A 49 -11.75 -20.76 6.89
N PRO A 50 -11.59 -21.07 8.17
CA PRO A 50 -12.75 -20.97 9.05
C PRO A 50 -12.94 -19.57 9.57
N PHE A 51 -13.99 -18.86 9.14
N PHE A 51 -14.12 -19.02 9.25
CA PHE A 51 -14.22 -17.64 9.91
CA PHE A 51 -14.56 -17.72 9.72
C PHE A 51 -15.17 -17.99 11.02
C PHE A 51 -15.36 -17.84 11.03
N ALA A 52 -14.78 -17.52 12.19
CA ALA A 52 -15.52 -17.69 13.43
C ALA A 52 -15.20 -16.55 14.40
N CYS A 53 -16.25 -15.96 14.94
CA CYS A 53 -16.15 -14.89 15.94
C CYS A 53 -17.51 -14.61 16.61
N ASP A 54 -17.47 -13.98 17.78
CA ASP A 54 -18.68 -13.48 18.43
C ASP A 54 -18.96 -12.05 17.96
N VAL A 55 -20.12 -11.86 17.36
CA VAL A 55 -20.49 -10.56 16.81
C VAL A 55 -20.82 -9.55 17.90
N ASP A 56 -21.03 -10.02 19.12
CA ASP A 56 -21.33 -9.13 20.23
C ASP A 56 -20.08 -8.62 20.97
N LYS A 57 -18.96 -9.30 20.80
CA LYS A 57 -17.76 -8.91 21.56
C LYS A 57 -16.76 -8.14 20.69
N LEU A 58 -16.94 -8.19 19.38
CA LEU A 58 -16.11 -7.37 18.49
C LEU A 58 -16.69 -5.94 18.44
N HIS A 59 -15.92 -4.96 18.91
CA HIS A 59 -16.25 -3.52 18.98
CA HIS A 59 -16.36 -3.57 18.75
C HIS A 59 -15.31 -2.72 18.05
N PHE A 60 -15.78 -1.63 17.44
CA PHE A 60 -14.89 -0.73 16.71
C PHE A 60 -15.50 0.65 16.57
N THR A 61 -14.65 1.61 16.25
CA THR A 61 -15.04 3.00 16.16
C THR A 61 -15.29 3.34 14.68
N PRO A 62 -16.53 3.68 14.35
CA PRO A 62 -16.91 3.90 12.94
C PRO A 62 -16.36 5.21 12.37
N ARG A 63 -15.98 5.22 11.10
CA ARG A 63 -15.65 6.46 10.40
C ARG A 63 -16.83 6.93 9.52
N ILE A 64 -16.96 8.25 9.33
CA ILE A 64 -18.08 8.77 8.57
C ILE A 64 -17.62 9.30 7.22
N GLN A 65 -18.46 9.13 6.22
CA GLN A 65 -18.09 9.41 4.86
C GLN A 65 -19.22 10.10 4.09
N ARG A 66 -18.94 11.27 3.52
CA ARG A 66 -19.84 11.91 2.56
C ARG A 66 -19.54 11.43 1.14
N LEU A 67 -20.58 11.30 0.34
CA LEU A 67 -20.40 10.70 -0.98
C LEU A 67 -20.55 11.70 -2.13
N ASN A 68 -19.53 12.54 -2.32
CA ASN A 68 -19.51 13.53 -3.40
C ASN A 68 -18.32 13.40 -4.36
N GLU A 69 -18.61 13.22 -5.64
CA GLU A 69 -17.57 13.10 -6.65
C GLU A 69 -16.66 14.34 -6.64
N LEU A 70 -15.36 14.10 -6.82
CA LEU A 70 -14.31 15.14 -6.88
C LEU A 70 -14.09 15.94 -5.59
N GLU A 71 -14.85 15.64 -4.54
CA GLU A 71 -14.63 16.24 -3.21
C GLU A 71 -13.45 15.56 -2.48
N ALA A 72 -12.68 16.37 -1.75
CA ALA A 72 -11.48 15.90 -1.04
C ALA A 72 -11.83 15.06 0.18
N GLN A 73 -11.17 13.89 0.28
CA GLN A 73 -11.20 13.12 1.51
C GLN A 73 -9.74 12.88 1.94
N THR A 74 -9.52 12.50 3.20
CA THR A 74 -8.16 12.26 3.64
C THR A 74 -7.98 10.75 3.88
N ARG A 75 -6.85 10.18 3.42
CA ARG A 75 -6.56 8.75 3.64
C ARG A 75 -6.60 8.42 5.14
N VAL A 76 -7.17 7.27 5.46
CA VAL A 76 -7.37 6.85 6.85
C VAL A 76 -6.03 6.70 7.60
N LYS A 77 -5.97 7.26 8.80
CA LYS A 77 -4.77 7.11 9.65
C LYS A 77 -4.98 6.00 10.66
N LEU A 78 -3.89 5.30 11.01
CA LEU A 78 -3.95 4.13 11.91
C LEU A 78 -4.62 4.42 13.28
N GLY A 79 -4.76 5.70 13.66
CA GLY A 79 -5.41 6.06 14.91
C GLY A 79 -6.93 5.93 14.92
N GLY A 80 -7.46 5.24 15.93
CA GLY A 80 -8.89 5.02 16.07
C GLY A 80 -9.75 6.26 15.81
N GLY A 81 -9.43 7.35 16.51
CA GLY A 81 -10.12 8.61 16.35
C GLY A 81 -11.61 8.52 16.62
N GLY A 82 -11.97 8.11 17.84
CA GLY A 82 -13.39 7.97 18.13
C GLY A 82 -13.91 7.73 19.53
N ALA A 83 -15.04 8.40 19.78
CA ALA A 83 -15.85 8.23 20.98
C ALA A 83 -17.10 7.37 20.68
N ARG A 84 -17.54 7.36 19.41
CA ARG A 84 -18.68 6.53 19.00
C ARG A 84 -18.28 5.06 18.85
N ASP A 85 -19.25 4.16 18.91
CA ASP A 85 -18.89 2.74 18.99
C ASP A 85 -19.98 1.78 18.51
N TYR A 86 -19.59 0.82 17.70
CA TYR A 86 -20.52 -0.21 17.24
C TYR A 86 -19.98 -1.58 17.63
N THR A 87 -20.84 -2.55 17.92
CA THR A 87 -20.39 -3.94 17.86
C THR A 87 -20.58 -4.36 16.42
N LEU A 88 -19.98 -5.47 16.03
CA LEU A 88 -20.20 -6.01 14.70
C LEU A 88 -21.69 -6.26 14.46
N ARG A 89 -22.41 -6.72 15.49
CA ARG A 89 -23.86 -6.93 15.36
C ARG A 89 -24.66 -5.63 15.18
N THR A 90 -24.40 -4.61 16.01
CA THR A 90 -25.17 -3.37 15.88
C THR A 90 -24.81 -2.63 14.58
N PHE A 91 -23.60 -2.83 14.06
CA PHE A 91 -23.25 -2.21 12.80
C PHE A 91 -24.00 -2.93 11.66
N GLY A 92 -24.02 -4.27 11.70
CA GLY A 92 -24.72 -5.07 10.72
C GLY A 92 -26.21 -4.72 10.64
N GLU A 93 -26.84 -4.51 11.78
CA GLU A 93 -28.25 -4.12 11.84
C GLU A 93 -28.49 -2.73 11.24
N MET A 94 -27.58 -1.78 11.53
CA MET A 94 -27.66 -0.45 10.93
C MET A 94 -27.52 -0.58 9.42
N ALA A 95 -26.55 -1.39 8.98
CA ALA A 95 -26.20 -1.42 7.57
C ALA A 95 -27.31 -2.03 6.72
N ASP A 96 -27.95 -3.09 7.23
CA ASP A 96 -29.00 -3.79 6.48
C ASP A 96 -30.28 -2.96 6.38
N ALA A 97 -30.68 -2.34 7.49
CA ALA A 97 -31.78 -1.39 7.52
C ALA A 97 -31.58 -0.24 6.53
N PHE A 98 -30.36 0.32 6.50
CA PHE A 98 -30.04 1.39 5.55
C PHE A 98 -30.27 0.95 4.12
N LYS A 99 -29.72 -0.20 3.73
CA LYS A 99 -29.82 -0.65 2.34
C LYS A 99 -31.28 -1.01 1.97
N SER A 100 -31.95 -1.64 2.93
CA SER A 100 -33.33 -2.08 2.76
C SER A 100 -34.29 -0.88 2.61
N ASP A 101 -34.10 0.16 3.42
CA ASP A 101 -34.88 1.38 3.34
C ASP A 101 -34.60 2.25 2.11
N TYR A 102 -33.36 2.23 1.61
CA TYR A 102 -32.97 3.01 0.45
C TYR A 102 -33.63 2.53 -0.83
N PHE A 103 -33.77 1.21 -0.97
CA PHE A 103 -34.33 0.65 -2.18
C PHE A 103 -35.76 0.12 -2.00
N ASN A 104 -36.29 0.16 -0.78
CA ASN A 104 -37.55 -0.52 -0.41
C ASN A 104 -37.61 -1.94 -0.96
N MET A 105 -36.52 -2.68 -0.76
CA MET A 105 -36.40 -4.08 -1.19
C MET A 105 -35.64 -4.91 -0.15
N PRO A 106 -35.88 -6.24 -0.08
CA PRO A 106 -35.01 -7.12 0.75
C PRO A 106 -33.55 -7.04 0.27
N VAL A 107 -32.59 -7.01 1.20
CA VAL A 107 -31.20 -6.62 0.85
C VAL A 107 -30.54 -7.45 -0.27
N HIS A 108 -30.90 -8.74 -0.41
CA HIS A 108 -30.28 -9.49 -1.50
C HIS A 108 -31.08 -9.56 -2.73
N MET A 109 -32.13 -8.78 -2.82
CA MET A 109 -32.80 -8.77 -4.09
C MET A 109 -32.38 -7.57 -4.89
N VAL A 110 -31.54 -6.69 -4.31
CA VAL A 110 -31.02 -5.57 -5.08
C VAL A 110 -29.88 -5.99 -5.99
N PRO A 111 -30.08 -5.94 -7.30
CA PRO A 111 -29.08 -6.34 -8.29
C PRO A 111 -27.80 -5.50 -8.23
N THR A 112 -26.64 -6.12 -8.48
CA THR A 112 -25.37 -5.40 -8.29
C THR A 112 -25.23 -4.31 -9.34
N GLU A 113 -25.70 -4.55 -10.57
N GLU A 113 -25.72 -4.61 -10.55
CA GLU A 113 -25.60 -3.52 -11.62
CA GLU A 113 -25.78 -3.68 -11.67
C GLU A 113 -26.44 -2.30 -11.28
C GLU A 113 -26.44 -2.36 -11.28
N LEU A 114 -27.52 -2.49 -10.51
CA LEU A 114 -28.34 -1.36 -10.08
C LEU A 114 -27.67 -0.57 -8.95
N VAL A 115 -27.08 -1.25 -7.97
CA VAL A 115 -26.35 -0.52 -6.93
C VAL A 115 -25.21 0.30 -7.56
N GLU A 116 -24.52 -0.28 -8.53
CA GLU A 116 -23.41 0.42 -9.23
C GLU A 116 -23.88 1.69 -9.97
N LYS A 117 -24.95 1.58 -10.77
CA LYS A 117 -25.55 2.76 -11.44
C LYS A 117 -26.00 3.78 -10.44
N GLU A 118 -26.60 3.32 -9.36
CA GLU A 118 -27.08 4.24 -8.35
C GLU A 118 -25.96 4.94 -7.63
N PHE A 119 -24.85 4.24 -7.39
CA PHE A 119 -23.70 4.87 -6.71
C PHE A 119 -23.21 6.04 -7.54
N TRP A 120 -22.98 5.82 -8.83
CA TRP A 120 -22.44 6.87 -9.68
C TRP A 120 -23.45 8.03 -9.87
N ARG A 121 -24.75 7.74 -9.91
CA ARG A 121 -25.75 8.81 -9.89
C ARG A 121 -25.65 9.61 -8.60
N LEU A 122 -25.62 8.94 -7.45
CA LEU A 122 -25.72 9.73 -6.22
C LEU A 122 -24.46 10.53 -5.89
N VAL A 123 -23.29 10.11 -6.35
CA VAL A 123 -22.08 10.89 -6.04
C VAL A 123 -21.99 12.13 -6.95
N SER A 124 -22.68 12.14 -8.08
CA SER A 124 -22.55 13.24 -9.05
C SER A 124 -23.59 14.34 -8.81
N THR A 125 -24.66 14.00 -8.10
CA THR A 125 -25.79 14.88 -7.83
C THR A 125 -25.57 15.68 -6.53
N ILE A 126 -25.59 16.99 -6.63
CA ILE A 126 -25.22 17.85 -5.50
C ILE A 126 -26.27 17.92 -4.39
N GLU A 127 -27.55 17.84 -4.76
CA GLU A 127 -28.62 17.95 -3.77
C GLU A 127 -28.72 16.71 -2.88
N GLU A 128 -28.55 15.53 -3.47
CA GLU A 128 -28.39 14.30 -2.69
C GLU A 128 -27.24 14.45 -1.71
N ASP A 129 -27.48 14.18 -0.44
CA ASP A 129 -26.40 14.25 0.55
C ASP A 129 -26.42 12.98 1.43
N VAL A 130 -26.04 11.87 0.82
CA VAL A 130 -25.96 10.60 1.53
C VAL A 130 -24.66 10.48 2.33
N THR A 131 -24.74 10.22 3.64
CA THR A 131 -23.53 9.84 4.39
C THR A 131 -23.64 8.41 4.87
N VAL A 132 -22.51 7.70 4.85
CA VAL A 132 -22.44 6.32 5.31
C VAL A 132 -21.28 6.17 6.30
N GLU A 133 -21.22 5.03 6.97
CA GLU A 133 -20.17 4.75 7.94
C GLU A 133 -19.48 3.43 7.60
N TYR A 134 -18.27 3.26 8.11
CA TYR A 134 -17.46 2.10 7.78
C TYR A 134 -16.39 1.90 8.86
N GLY A 135 -15.77 0.72 8.86
CA GLY A 135 -14.66 0.48 9.77
C GLY A 135 -13.37 0.33 9.00
N ALA A 136 -12.28 0.92 9.51
CA ALA A 136 -10.95 0.66 8.93
C ALA A 136 -9.89 0.81 10.01
N ASP A 137 -9.11 -0.26 10.24
CA ASP A 137 -8.01 -0.22 11.21
C ASP A 137 -7.21 -1.52 11.13
N ILE A 138 -5.99 -1.52 11.69
CA ILE A 138 -5.20 -2.75 11.76
C ILE A 138 -5.74 -3.56 12.95
N ALA A 139 -5.41 -4.85 13.02
CA ALA A 139 -5.95 -5.70 14.09
C ALA A 139 -5.52 -5.24 15.49
N SER A 140 -6.40 -5.48 16.47
CA SER A 140 -6.15 -5.16 17.87
C SER A 140 -6.85 -6.19 18.77
N LYS A 141 -6.88 -5.92 20.07
CA LYS A 141 -7.53 -6.82 21.02
C LYS A 141 -9.06 -6.80 20.90
N GLU A 142 -9.61 -5.62 20.60
CA GLU A 142 -11.06 -5.44 20.51
C GLU A 142 -11.62 -5.97 19.18
N PHE A 143 -10.75 -6.00 18.16
CA PHE A 143 -11.11 -6.45 16.82
C PHE A 143 -9.89 -7.03 16.09
N GLY A 144 -9.84 -8.36 15.98
CA GLY A 144 -8.63 -9.04 15.51
C GLY A 144 -8.79 -9.59 14.10
N SER A 145 -7.71 -10.16 13.57
CA SER A 145 -7.69 -10.76 12.25
C SER A 145 -8.87 -11.72 11.99
N GLY A 146 -9.31 -11.80 10.75
CA GLY A 146 -10.31 -12.78 10.38
C GLY A 146 -9.67 -14.13 10.06
N PHE A 147 -8.34 -14.14 9.96
CA PHE A 147 -7.61 -15.39 9.75
C PHE A 147 -7.17 -15.99 11.09
N PRO A 148 -6.94 -17.32 11.14
CA PRO A 148 -6.35 -17.96 12.32
C PRO A 148 -4.95 -17.39 12.65
N VAL A 149 -4.74 -17.06 13.93
CA VAL A 149 -3.44 -16.61 14.43
C VAL A 149 -3.08 -17.40 15.70
N ARG A 150 -1.81 -17.46 16.04
CA ARG A 150 -1.37 -18.25 17.19
C ARG A 150 -1.71 -17.61 18.54
N ASP A 151 -2.20 -18.45 19.46
CA ASP A 151 -2.46 -18.09 20.87
C ASP A 151 -3.07 -19.27 21.62
N ILE A 154 -5.91 -19.33 23.60
CA ILE A 154 -6.95 -20.14 22.95
C ILE A 154 -6.36 -21.34 22.19
N LYS A 155 -7.04 -22.48 22.29
CA LYS A 155 -6.71 -23.69 21.54
C LYS A 155 -7.42 -23.72 20.19
N LEU A 156 -6.73 -24.23 19.16
CA LEU A 156 -7.23 -24.20 17.79
C LEU A 156 -7.65 -25.59 17.28
N SER A 157 -8.74 -25.63 16.51
CA SER A 157 -9.26 -26.86 15.91
C SER A 157 -8.33 -27.31 14.77
N PRO A 158 -8.26 -28.64 14.51
CA PRO A 158 -7.41 -29.19 13.43
C PRO A 158 -7.49 -28.39 12.12
N GLU A 159 -8.70 -27.95 11.75
CA GLU A 159 -8.89 -27.16 10.53
C GLU A 159 -8.18 -25.81 10.60
N GLU A 160 -8.37 -25.08 11.71
CA GLU A 160 -7.66 -23.83 11.97
C GLU A 160 -6.12 -23.96 11.84
N GLU A 161 -5.58 -25.11 12.22
CA GLU A 161 -4.15 -25.34 12.16
C GLU A 161 -3.71 -25.47 10.70
N GLU A 162 -4.57 -26.07 9.88
CA GLU A 162 -4.33 -26.17 8.43
C GLU A 162 -4.06 -24.78 7.82
N TYR A 163 -4.87 -23.82 8.23
CA TYR A 163 -4.86 -22.50 7.60
C TYR A 163 -3.91 -21.55 8.33
N LEU A 164 -3.33 -22.01 9.42
CA LEU A 164 -2.50 -21.13 10.23
C LEU A 164 -1.21 -20.78 9.50
N ASP A 165 -0.74 -21.69 8.64
CA ASP A 165 0.56 -21.48 8.03
C ASP A 165 0.46 -21.26 6.53
N SER A 166 -0.75 -21.16 6.01
CA SER A 166 -0.94 -20.92 4.58
C SER A 166 -0.20 -19.67 4.10
N GLY A 167 0.34 -19.71 2.89
CA GLY A 167 0.83 -18.50 2.28
C GLY A 167 -0.28 -17.46 2.12
N TRP A 168 -1.51 -17.93 1.89
CA TRP A 168 -2.62 -17.02 1.60
C TRP A 168 -3.29 -16.50 2.87
N ASN A 169 -2.82 -16.94 4.05
CA ASN A 169 -3.23 -16.33 5.31
C ASN A 169 -2.47 -15.00 5.35
N LEU A 170 -3.19 -13.89 5.23
CA LEU A 170 -2.53 -12.61 5.02
C LEU A 170 -1.66 -12.10 6.20
N ASN A 171 -1.81 -12.68 7.38
CA ASN A 171 -0.87 -12.41 8.46
C ASN A 171 0.55 -12.90 8.17
N ASN A 172 0.65 -13.95 7.37
CA ASN A 172 1.94 -14.55 7.07
C ASN A 172 2.66 -13.87 5.92
N MET A 173 1.88 -13.52 4.91
CA MET A 173 2.42 -13.04 3.65
C MET A 173 3.43 -11.89 3.73
N PRO A 174 3.23 -10.91 4.63
CA PRO A 174 4.27 -9.87 4.74
C PRO A 174 5.62 -10.43 5.14
N VAL A 175 5.63 -11.36 6.09
CA VAL A 175 6.88 -11.85 6.68
C VAL A 175 7.35 -13.21 6.15
N MET A 176 6.99 -13.53 4.91
CA MET A 176 7.56 -14.70 4.26
C MET A 176 8.86 -14.33 3.55
N GLU A 177 9.50 -15.34 2.97
CA GLU A 177 10.87 -15.22 2.48
C GLU A 177 11.00 -14.43 1.17
N GLN A 178 10.17 -14.75 0.17
CA GLN A 178 10.28 -14.15 -1.16
C GLN A 178 9.71 -12.71 -1.24
N SER A 179 9.26 -12.22 -0.08
CA SER A 179 8.97 -10.80 0.16
C SER A 179 10.24 -10.07 0.60
N VAL A 180 10.26 -8.73 0.58
CA VAL A 180 11.44 -7.99 1.05
C VAL A 180 11.11 -7.05 2.25
N LEU A 181 9.82 -6.83 2.49
CA LEU A 181 9.36 -6.03 3.64
C LEU A 181 9.67 -6.68 4.99
N ALA A 182 9.85 -8.01 5.01
CA ALA A 182 10.07 -8.77 6.24
C ALA A 182 11.45 -8.53 6.84
N HIS A 183 12.37 -8.09 6.00
CA HIS A 183 13.74 -7.87 6.45
C HIS A 183 13.86 -6.51 7.14
N ILE A 184 12.97 -5.59 6.79
CA ILE A 184 12.97 -4.23 7.39
C ILE A 184 12.79 -4.29 8.90
N THR A 185 13.71 -3.63 9.60
CA THR A 185 13.71 -3.66 11.05
C THR A 185 12.95 -2.44 11.59
N ALA A 186 12.87 -1.40 10.77
CA ALA A 186 12.13 -0.19 11.12
C ALA A 186 10.65 -0.47 11.45
N ASP A 187 10.07 0.40 12.28
CA ASP A 187 8.64 0.35 12.59
C ASP A 187 7.86 0.82 11.37
N ILE A 188 7.20 -0.11 10.69
CA ILE A 188 6.34 0.27 9.58
C ILE A 188 5.01 -0.48 9.70
N CYS A 189 4.36 -0.33 10.86
CA CYS A 189 3.09 -0.98 11.20
C CYS A 189 2.03 -0.88 10.10
N GLY A 190 1.78 0.35 9.64
CA GLY A 190 0.78 0.63 8.62
C GLY A 190 0.96 -0.18 7.35
N MET A 191 2.19 -0.61 7.10
CA MET A 191 2.54 -1.21 5.82
C MET A 191 2.77 -2.75 5.87
N LYS A 192 3.12 -3.31 7.03
CA LYS A 192 3.37 -4.76 7.04
C LYS A 192 2.30 -5.57 7.81
N LEU A 193 1.45 -4.88 8.57
CA LEU A 193 0.31 -5.50 9.25
C LEU A 193 -0.96 -5.40 8.37
N PRO A 194 -1.82 -6.43 8.40
CA PRO A 194 -3.08 -6.37 7.65
C PRO A 194 -4.05 -5.32 8.19
N TRP A 195 -4.76 -4.66 7.28
CA TRP A 195 -5.88 -3.80 7.66
C TRP A 195 -7.23 -4.55 7.59
N LEU A 196 -8.12 -4.24 8.52
CA LEU A 196 -9.47 -4.81 8.61
C LEU A 196 -10.53 -3.78 8.19
N TYR A 197 -11.35 -4.13 7.20
CA TYR A 197 -12.39 -3.23 6.65
C TYR A 197 -13.83 -3.76 6.82
N VAL A 198 -14.65 -3.08 7.63
CA VAL A 198 -16.07 -3.43 7.73
C VAL A 198 -16.90 -2.52 6.80
N GLY A 199 -17.54 -3.08 5.77
CA GLY A 199 -18.29 -2.25 4.83
C GLY A 199 -19.81 -2.21 5.01
N MET A 200 -20.45 -1.18 4.44
CA MET A 200 -21.91 -1.15 4.21
C MET A 200 -22.22 -0.63 2.78
N CYS A 201 -23.47 -0.71 2.35
CA CYS A 201 -23.86 -0.27 1.00
C CYS A 201 -23.37 1.13 0.69
N PHE A 202 -22.64 1.27 -0.42
CA PHE A 202 -22.06 2.55 -0.89
C PHE A 202 -20.77 3.03 -0.16
N SER A 203 -20.40 2.42 0.97
CA SER A 203 -19.13 2.86 1.60
C SER A 203 -18.02 2.58 0.58
N SER A 204 -17.09 3.51 0.45
N SER A 204 -17.10 3.53 0.43
CA SER A 204 -16.18 3.44 -0.67
CA SER A 204 -16.21 3.57 -0.72
C SER A 204 -14.73 3.79 -0.34
C SER A 204 -14.74 3.86 -0.38
N PHE A 205 -13.81 3.38 -1.21
CA PHE A 205 -12.41 3.80 -1.07
C PHE A 205 -12.00 4.61 -2.29
N CYS A 206 -11.44 5.80 -2.05
CA CYS A 206 -11.01 6.71 -3.12
C CYS A 206 -9.85 6.20 -3.93
N TRP A 207 -9.68 6.75 -5.14
CA TRP A 207 -8.60 6.35 -6.04
C TRP A 207 -7.24 6.57 -5.32
N HIS A 208 -6.40 5.54 -5.32
CA HIS A 208 -5.05 5.64 -4.67
C HIS A 208 -4.13 4.57 -5.19
N ILE A 209 -2.83 4.73 -4.93
CA ILE A 209 -1.83 3.67 -5.09
C ILE A 209 -1.17 3.41 -3.73
N GLU A 210 -0.47 2.27 -3.58
CA GLU A 210 0.08 1.88 -2.27
C GLU A 210 1.40 2.60 -2.02
N ASP A 211 1.70 2.85 -0.75
CA ASP A 211 3.00 3.44 -0.38
C ASP A 211 4.19 2.67 -1.00
N HIS A 212 5.18 3.43 -1.45
CA HIS A 212 6.38 2.89 -2.15
C HIS A 212 6.05 2.02 -3.36
N TRP A 213 4.89 2.29 -3.96
CA TRP A 213 4.39 1.51 -5.10
C TRP A 213 4.42 0.00 -4.85
N SER A 214 4.10 -0.44 -3.64
CA SER A 214 4.05 -1.89 -3.39
C SER A 214 2.83 -2.58 -4.00
N TYR A 215 2.86 -3.92 -4.02
CA TYR A 215 1.67 -4.75 -4.29
C TYR A 215 0.71 -4.67 -3.13
N SER A 216 -0.55 -5.06 -3.35
CA SER A 216 -1.43 -5.35 -2.22
C SER A 216 -2.34 -6.53 -2.59
N ILE A 217 -2.92 -7.16 -1.59
CA ILE A 217 -3.82 -8.27 -1.81
C ILE A 217 -4.94 -8.12 -0.78
N ASN A 218 -6.19 -8.29 -1.25
CA ASN A 218 -7.37 -8.05 -0.43
C ASN A 218 -8.26 -9.32 -0.44
N TYR A 219 -8.66 -9.77 0.75
CA TYR A 219 -9.51 -10.95 0.83
C TYR A 219 -10.84 -10.58 1.46
N LEU A 220 -11.91 -10.96 0.76
CA LEU A 220 -13.25 -10.74 1.26
C LEU A 220 -13.68 -11.97 2.04
N HIS A 221 -13.77 -11.84 3.37
CA HIS A 221 -14.05 -12.98 4.22
C HIS A 221 -15.50 -13.43 4.08
N TRP A 222 -16.44 -12.51 4.37
N TRP A 222 -16.38 -12.44 4.01
CA TRP A 222 -17.89 -12.76 4.33
CA TRP A 222 -17.79 -12.68 4.15
C TRP A 222 -18.73 -11.50 3.98
C TRP A 222 -18.61 -11.47 3.66
N GLY A 223 -19.87 -11.73 3.31
CA GLY A 223 -20.88 -10.68 3.09
C GLY A 223 -21.16 -10.37 1.64
N GLU A 224 -21.81 -9.24 1.40
CA GLU A 224 -22.15 -8.82 0.03
C GLU A 224 -20.89 -8.38 -0.74
N PRO A 225 -20.94 -8.38 -2.08
CA PRO A 225 -19.70 -8.17 -2.84
C PRO A 225 -19.10 -6.78 -2.72
N LYS A 226 -17.87 -6.66 -3.21
CA LYS A 226 -17.12 -5.40 -3.21
C LYS A 226 -16.82 -5.10 -4.66
N THR A 227 -17.20 -3.91 -5.14
CA THR A 227 -16.99 -3.55 -6.54
C THR A 227 -15.67 -2.76 -6.71
N TRP A 228 -14.84 -3.13 -7.68
CA TRP A 228 -13.51 -2.54 -7.89
C TRP A 228 -13.35 -1.90 -9.25
N TYR A 229 -12.56 -0.81 -9.30
CA TYR A 229 -12.04 -0.28 -10.56
C TYR A 229 -10.52 -0.16 -10.45
N GLY A 230 -9.82 -0.53 -11.52
CA GLY A 230 -8.39 -0.51 -11.55
C GLY A 230 -7.81 -0.02 -12.86
N VAL A 231 -6.66 0.63 -12.72
CA VAL A 231 -5.90 1.18 -13.84
C VAL A 231 -4.49 0.59 -13.83
N PRO A 232 -3.96 0.16 -15.00
CA PRO A 232 -2.63 -0.45 -15.00
C PRO A 232 -1.51 0.55 -14.66
N GLY A 233 -0.43 0.05 -14.07
CA GLY A 233 0.69 0.88 -13.65
C GLY A 233 1.28 1.80 -14.71
N TYR A 234 1.32 1.35 -15.96
CA TYR A 234 1.90 2.18 -17.02
C TYR A 234 1.08 3.43 -17.31
N ALA A 235 -0.12 3.52 -16.76
CA ALA A 235 -1.02 4.64 -17.05
C ALA A 235 -1.20 5.55 -15.85
N ALA A 236 -0.38 5.37 -14.82
CA ALA A 236 -0.55 6.15 -13.58
C ALA A 236 -0.48 7.66 -13.82
N GLU A 237 0.47 8.09 -14.65
CA GLU A 237 0.62 9.53 -14.85
C GLU A 237 -0.48 10.10 -15.77
N GLN A 238 -0.98 9.33 -16.73
CA GLN A 238 -2.16 9.77 -17.49
C GLN A 238 -3.31 10.08 -16.52
N LEU A 239 -3.62 9.13 -15.63
CA LEU A 239 -4.68 9.34 -14.65
C LEU A 239 -4.44 10.58 -13.79
N GLU A 240 -3.19 10.77 -13.37
CA GLU A 240 -2.92 11.89 -12.48
C GLU A 240 -3.14 13.24 -13.21
N ASN A 241 -2.81 13.28 -14.49
CA ASN A 241 -3.03 14.49 -15.28
C ASN A 241 -4.52 14.80 -15.46
N VAL A 242 -5.33 13.78 -15.72
CA VAL A 242 -6.79 13.95 -15.77
C VAL A 242 -7.30 14.49 -14.43
N MET A 243 -6.80 13.92 -13.34
CA MET A 243 -7.20 14.33 -11.99
C MET A 243 -6.79 15.77 -11.68
N LYS A 244 -5.58 16.14 -12.07
CA LYS A 244 -5.08 17.48 -11.78
C LYS A 244 -5.95 18.56 -12.46
N LYS A 245 -6.33 18.30 -13.70
CA LYS A 245 -7.21 19.18 -14.47
C LYS A 245 -8.57 19.42 -13.78
N LEU A 246 -9.21 18.35 -13.31
CA LEU A 246 -10.56 18.43 -12.74
C LEU A 246 -10.65 18.75 -11.23
N ALA A 247 -9.66 18.32 -10.44
CA ALA A 247 -9.66 18.61 -9.00
C ALA A 247 -8.26 19.01 -8.51
N PRO A 248 -7.78 20.20 -8.93
CA PRO A 248 -6.39 20.62 -8.64
C PRO A 248 -6.07 20.77 -7.13
N GLU A 249 -7.09 20.99 -6.30
CA GLU A 249 -6.88 21.11 -4.85
C GLU A 249 -6.27 19.85 -4.20
N LEU A 250 -6.48 18.69 -4.79
CA LEU A 250 -5.90 17.44 -4.26
C LEU A 250 -4.40 17.37 -4.46
N PHE A 251 -3.87 18.34 -5.20
CA PHE A 251 -2.48 18.28 -5.63
C PHE A 251 -1.56 19.33 -4.98
N VAL A 252 -2.13 20.15 -4.10
CA VAL A 252 -1.32 21.06 -3.28
C VAL A 252 -0.41 20.23 -2.34
N SER A 253 0.72 20.81 -1.95
CA SER A 253 1.77 20.05 -1.25
C SER A 253 1.28 19.48 0.07
N GLN A 254 1.71 18.24 0.35
CA GLN A 254 1.32 17.54 1.57
C GLN A 254 2.15 18.01 2.77
N PRO A 255 1.49 18.54 3.81
CA PRO A 255 2.20 18.97 5.02
C PRO A 255 2.81 17.79 5.77
N ASP A 256 2.21 16.61 5.61
CA ASP A 256 2.72 15.33 6.13
C ASP A 256 1.94 14.13 5.53
N LEU A 257 2.22 12.93 6.04
CA LEU A 257 1.59 11.71 5.52
C LEU A 257 0.17 11.47 6.08
N LEU A 258 -0.23 12.30 7.03
CA LEU A 258 -1.57 12.22 7.64
C LEU A 258 -2.53 13.23 6.99
N HIS A 259 -2.09 13.84 5.89
CA HIS A 259 -2.92 14.81 5.18
C HIS A 259 -2.86 14.52 3.69
N GLN A 260 -2.85 13.23 3.34
CA GLN A 260 -2.90 12.82 1.95
C GLN A 260 -4.34 12.92 1.42
N LEU A 261 -4.53 13.68 0.34
CA LEU A 261 -5.87 13.98 -0.15
C LEU A 261 -6.22 13.05 -1.30
N VAL A 262 -7.42 12.46 -1.25
CA VAL A 262 -7.86 11.53 -2.29
C VAL A 262 -9.31 11.83 -2.63
N THR A 263 -9.83 11.24 -3.72
CA THR A 263 -11.19 11.52 -4.15
C THR A 263 -11.90 10.41 -4.96
N ILE A 264 -13.24 10.44 -4.96
CA ILE A 264 -14.08 9.64 -5.84
C ILE A 264 -14.11 10.25 -7.24
N MET A 265 -13.98 9.43 -8.27
CA MET A 265 -14.13 9.94 -9.63
C MET A 265 -14.61 8.86 -10.58
N ASN A 266 -15.62 9.20 -11.38
CA ASN A 266 -16.29 8.26 -12.27
C ASN A 266 -15.32 7.64 -13.25
N PRO A 267 -15.27 6.31 -13.31
CA PRO A 267 -14.36 5.73 -14.33
C PRO A 267 -14.68 6.11 -15.79
N ASN A 268 -15.93 6.49 -16.10
CA ASN A 268 -16.29 6.88 -17.47
C ASN A 268 -15.52 8.18 -17.85
N THR A 269 -15.36 9.08 -16.89
CA THR A 269 -14.53 10.26 -17.06
C THR A 269 -13.10 9.91 -17.47
N LEU A 270 -12.49 8.95 -16.78
CA LEU A 270 -11.16 8.47 -17.18
C LEU A 270 -11.18 7.86 -18.58
N MET A 271 -12.19 7.03 -18.85
CA MET A 271 -12.30 6.36 -20.16
C MET A 271 -12.44 7.37 -21.32
N THR A 272 -13.13 8.48 -21.07
CA THR A 272 -13.28 9.54 -22.05
C THR A 272 -11.93 10.18 -22.39
N HIS A 273 -11.01 10.23 -21.41
CA HIS A 273 -9.68 10.78 -21.69
C HIS A 273 -8.67 9.70 -22.02
N GLU A 274 -9.17 8.55 -22.46
CA GLU A 274 -8.33 7.48 -23.00
C GLU A 274 -7.40 6.85 -21.96
N VAL A 275 -7.81 6.86 -20.69
CA VAL A 275 -7.15 6.08 -19.66
C VAL A 275 -7.79 4.71 -19.56
N PRO A 276 -7.00 3.63 -19.72
CA PRO A 276 -7.62 2.29 -19.59
C PRO A 276 -8.09 1.95 -18.16
N VAL A 277 -9.33 1.47 -18.01
CA VAL A 277 -9.92 1.12 -16.71
C VAL A 277 -10.63 -0.24 -16.77
N TYR A 278 -10.47 -1.07 -15.74
CA TYR A 278 -11.12 -2.37 -15.66
C TYR A 278 -11.94 -2.45 -14.38
N ARG A 279 -12.92 -3.38 -14.32
CA ARG A 279 -13.77 -3.50 -13.15
C ARG A 279 -13.84 -4.96 -12.71
N THR A 280 -14.33 -5.18 -11.50
CA THR A 280 -14.73 -6.51 -11.10
C THR A 280 -15.62 -6.41 -9.86
N ASN A 281 -16.50 -7.41 -9.67
CA ASN A 281 -17.18 -7.63 -8.39
C ASN A 281 -16.46 -8.78 -7.68
N GLN A 282 -15.96 -8.49 -6.49
CA GLN A 282 -15.24 -9.46 -5.69
C GLN A 282 -16.27 -10.05 -4.78
N CYS A 283 -16.48 -11.37 -4.85
CA CYS A 283 -17.39 -11.99 -3.90
C CYS A 283 -16.65 -12.67 -2.75
N ALA A 284 -17.42 -12.98 -1.69
CA ALA A 284 -16.93 -13.67 -0.52
C ALA A 284 -16.12 -14.93 -0.89
N GLY A 285 -14.93 -15.06 -0.27
CA GLY A 285 -13.99 -16.12 -0.62
C GLY A 285 -13.04 -15.81 -1.76
N GLU A 286 -13.12 -14.62 -2.37
CA GLU A 286 -12.17 -14.32 -3.44
C GLU A 286 -11.12 -13.27 -3.04
N PHE A 287 -9.99 -13.32 -3.74
CA PHE A 287 -8.88 -12.37 -3.55
C PHE A 287 -8.85 -11.40 -4.72
N VAL A 288 -8.56 -10.14 -4.41
CA VAL A 288 -8.13 -9.18 -5.42
C VAL A 288 -6.64 -8.80 -5.20
N ILE A 289 -5.86 -8.78 -6.26
CA ILE A 289 -4.45 -8.39 -6.14
C ILE A 289 -4.24 -7.11 -6.93
N THR A 290 -3.56 -6.14 -6.32
CA THR A 290 -3.16 -4.96 -7.09
C THR A 290 -1.65 -4.91 -7.37
N PHE A 291 -1.25 -4.44 -8.54
CA PHE A 291 0.17 -4.46 -8.95
C PHE A 291 0.85 -3.09 -8.73
N PRO A 292 2.20 -3.05 -8.80
CA PRO A 292 2.87 -1.78 -8.45
C PRO A 292 2.44 -0.55 -9.24
N ARG A 293 2.12 0.51 -8.51
CA ARG A 293 1.63 1.78 -9.08
C ARG A 293 0.28 1.67 -9.87
N ALA A 294 -0.47 0.60 -9.68
CA ALA A 294 -1.85 0.49 -10.24
C ALA A 294 -2.88 1.23 -9.38
N TYR A 295 -3.41 2.33 -9.90
CA TYR A 295 -4.49 3.05 -9.24
C TYR A 295 -5.72 2.13 -9.08
N HIS A 296 -6.39 2.20 -7.93
CA HIS A 296 -7.64 1.46 -7.71
C HIS A 296 -8.58 2.22 -6.82
N SER A 297 -9.89 1.93 -6.96
CA SER A 297 -10.96 2.44 -6.12
C SER A 297 -12.14 1.46 -6.12
N GLY A 298 -13.13 1.72 -5.29
CA GLY A 298 -14.29 0.84 -5.27
C GLY A 298 -15.32 1.20 -4.23
N PHE A 299 -16.35 0.36 -4.07
CA PHE A 299 -17.40 0.61 -3.09
C PHE A 299 -18.03 -0.73 -2.75
N ASN A 300 -18.61 -0.81 -1.55
CA ASN A 300 -19.24 -2.04 -1.11
C ASN A 300 -20.74 -2.10 -1.49
N GLN A 301 -21.18 -3.29 -1.90
CA GLN A 301 -22.58 -3.53 -2.23
C GLN A 301 -23.50 -3.66 -1.03
N GLY A 302 -22.95 -3.99 0.12
CA GLY A 302 -23.75 -4.15 1.33
C GLY A 302 -22.79 -4.51 2.45
N PHE A 303 -23.33 -4.92 3.59
CA PHE A 303 -22.56 -5.31 4.78
C PHE A 303 -21.55 -6.44 4.44
N ASN A 304 -20.28 -6.20 4.76
CA ASN A 304 -19.26 -7.21 4.47
C ASN A 304 -17.98 -7.00 5.32
N PHE A 305 -16.97 -7.84 5.11
N PHE A 305 -17.00 -7.88 5.16
CA PHE A 305 -15.75 -7.86 5.94
CA PHE A 305 -15.75 -7.75 5.91
C PHE A 305 -14.55 -8.32 5.14
C PHE A 305 -14.58 -8.27 5.09
N ALA A 306 -13.58 -7.42 4.97
CA ALA A 306 -12.44 -7.68 4.14
C ALA A 306 -11.18 -7.47 4.96
N GLU A 307 -10.07 -8.01 4.45
CA GLU A 307 -8.77 -7.92 5.12
C GLU A 307 -7.75 -7.79 4.02
N ALA A 308 -6.82 -6.84 4.17
CA ALA A 308 -5.88 -6.51 3.11
C ALA A 308 -4.45 -6.29 3.65
N VAL A 309 -3.44 -6.53 2.82
CA VAL A 309 -2.05 -6.30 3.29
C VAL A 309 -1.14 -5.94 2.12
N ASN A 310 -0.10 -5.14 2.39
CA ASN A 310 0.91 -4.80 1.37
C ASN A 310 1.98 -5.86 1.30
N PHE A 311 2.63 -6.01 0.14
CA PHE A 311 3.82 -6.84 0.07
C PHE A 311 4.69 -6.45 -1.12
N CYS A 312 5.93 -6.92 -1.11
CA CYS A 312 6.91 -6.59 -2.14
C CYS A 312 7.76 -7.81 -2.54
N THR A 313 7.69 -8.19 -3.80
CA THR A 313 8.51 -9.29 -4.31
C THR A 313 9.87 -8.75 -4.77
N VAL A 314 10.82 -9.64 -5.12
CA VAL A 314 12.11 -9.20 -5.67
C VAL A 314 11.96 -8.46 -7.00
N ASP A 315 10.93 -8.81 -7.75
CA ASP A 315 10.55 -8.09 -8.97
C ASP A 315 10.41 -6.58 -8.72
N TRP A 316 9.90 -6.24 -7.55
CA TRP A 316 9.53 -4.87 -7.24
C TRP A 316 10.74 -3.97 -6.96
N LEU A 317 11.90 -4.55 -6.60
CA LEU A 317 13.04 -3.74 -6.12
C LEU A 317 13.41 -2.51 -6.99
N PRO A 318 13.57 -2.69 -8.32
CA PRO A 318 13.85 -1.50 -9.13
C PRO A 318 12.76 -0.43 -9.06
N LEU A 319 11.51 -0.84 -8.92
CA LEU A 319 10.40 0.12 -8.87
C LEU A 319 10.43 0.87 -7.56
N GLY A 320 10.76 0.14 -6.49
CA GLY A 320 10.97 0.76 -5.19
C GLY A 320 11.95 1.92 -5.22
N ARG A 321 13.04 1.78 -5.99
CA ARG A 321 14.07 2.81 -6.09
C ARG A 321 13.53 4.00 -6.90
N GLN A 322 12.84 3.69 -8.00
N GLN A 322 12.85 3.71 -8.02
CA GLN A 322 12.25 4.73 -8.83
CA GLN A 322 12.23 4.77 -8.84
C GLN A 322 11.16 5.50 -8.09
C GLN A 322 11.18 5.53 -8.04
N CYS A 323 10.44 4.83 -7.20
CA CYS A 323 9.41 5.49 -6.41
C CYS A 323 10.02 6.51 -5.44
N VAL A 324 11.13 6.15 -4.79
CA VAL A 324 11.74 7.06 -3.82
C VAL A 324 12.29 8.32 -4.50
N GLU A 325 12.85 8.12 -5.67
CA GLU A 325 13.24 9.22 -6.53
C GLU A 325 12.02 10.11 -6.91
N HIS A 326 10.92 9.48 -7.28
CA HIS A 326 9.69 10.23 -7.56
C HIS A 326 9.19 11.02 -6.34
N TYR A 327 9.23 10.41 -5.15
CA TYR A 327 8.89 11.16 -3.92
C TYR A 327 9.79 12.38 -3.75
N ARG A 328 11.07 12.24 -4.13
CA ARG A 328 12.02 13.33 -3.91
C ARG A 328 11.64 14.52 -4.81
N LEU A 329 11.37 14.24 -6.08
CA LEU A 329 10.88 15.26 -7.02
C LEU A 329 9.61 15.99 -6.52
N LEU A 330 8.72 15.29 -5.82
CA LEU A 330 7.49 15.88 -5.28
C LEU A 330 7.59 16.41 -3.88
N HIS A 331 8.76 16.27 -3.24
CA HIS A 331 8.91 16.58 -1.81
C HIS A 331 7.94 15.78 -0.90
N ARG A 332 7.69 14.51 -1.20
CA ARG A 332 6.80 13.67 -0.37
C ARG A 332 7.59 12.84 0.66
N TYR A 333 7.09 12.75 1.89
CA TYR A 333 7.68 11.89 2.93
C TYR A 333 7.69 10.40 2.56
N CYS A 334 8.77 9.71 2.96
CA CYS A 334 8.92 8.25 2.76
C CYS A 334 8.38 7.49 3.96
N VAL A 335 7.92 6.27 3.75
CA VAL A 335 7.57 5.41 4.89
C VAL A 335 8.81 4.75 5.51
N PHE A 336 9.79 4.39 4.69
CA PHE A 336 11.08 3.86 5.20
C PHE A 336 12.19 4.25 4.21
N SER A 337 13.46 4.10 4.60
CA SER A 337 14.57 4.27 3.64
C SER A 337 14.78 3.00 2.82
N HIS A 338 14.68 3.12 1.50
CA HIS A 338 14.96 2.01 0.57
C HIS A 338 16.45 1.55 0.66
N ASP A 339 17.38 2.52 0.67
CA ASP A 339 18.81 2.16 0.78
C ASP A 339 19.11 1.43 2.09
N GLU A 340 18.49 1.88 3.18
CA GLU A 340 18.70 1.22 4.47
C GLU A 340 18.23 -0.23 4.37
N MET A 341 17.13 -0.47 3.67
CA MET A 341 16.66 -1.85 3.54
C MET A 341 17.60 -2.74 2.71
N ILE A 342 18.16 -2.18 1.63
CA ILE A 342 19.12 -2.89 0.78
C ILE A 342 20.36 -3.28 1.58
N CYS A 343 20.93 -2.34 2.32
CA CYS A 343 22.12 -2.60 3.12
C CYS A 343 21.84 -3.60 4.23
N LYS A 344 20.65 -3.55 4.81
CA LYS A 344 20.29 -4.54 5.82
C LYS A 344 20.31 -5.95 5.20
N MET A 345 19.74 -6.09 4.00
CA MET A 345 19.74 -7.39 3.37
C MET A 345 21.16 -7.83 3.02
N ALA A 346 21.96 -6.93 2.46
CA ALA A 346 23.34 -7.23 2.13
C ALA A 346 24.07 -7.74 3.36
N SER A 347 23.87 -7.11 4.51
CA SER A 347 24.51 -7.55 5.74
C SER A 347 24.03 -8.92 6.22
N LYS A 348 22.99 -9.47 5.59
CA LYS A 348 22.51 -10.81 5.94
C LYS A 348 22.67 -11.76 4.75
N ALA A 349 23.64 -11.50 3.89
CA ALA A 349 23.79 -12.20 2.62
C ALA A 349 23.82 -13.74 2.72
N ASP A 350 24.45 -14.28 3.76
CA ASP A 350 24.58 -15.74 3.88
C ASP A 350 23.27 -16.51 4.13
N VAL A 351 22.29 -15.89 4.79
CA VAL A 351 21.02 -16.55 5.04
C VAL A 351 19.93 -16.14 4.06
N LEU A 352 20.30 -15.35 3.03
CA LEU A 352 19.32 -14.95 2.02
C LEU A 352 19.09 -16.06 1.02
N ASP A 353 17.84 -16.18 0.58
CA ASP A 353 17.52 -16.96 -0.61
C ASP A 353 18.40 -16.48 -1.76
N VAL A 354 18.73 -17.35 -2.71
CA VAL A 354 19.73 -16.99 -3.72
C VAL A 354 19.22 -16.16 -4.89
N VAL A 355 17.93 -16.27 -5.22
CA VAL A 355 17.36 -15.40 -6.26
C VAL A 355 17.26 -13.98 -5.72
N VAL A 356 16.86 -13.89 -4.45
CA VAL A 356 16.84 -12.64 -3.71
C VAL A 356 18.24 -12.00 -3.68
N ALA A 357 19.26 -12.77 -3.28
CA ALA A 357 20.63 -12.27 -3.23
C ALA A 357 21.06 -11.68 -4.57
N SER A 358 20.75 -12.39 -5.65
CA SER A 358 21.12 -11.93 -6.98
C SER A 358 20.46 -10.59 -7.36
N THR A 359 19.20 -10.42 -6.99
CA THR A 359 18.46 -9.21 -7.32
C THR A 359 18.83 -8.03 -6.42
N VAL A 360 19.08 -8.30 -5.15
CA VAL A 360 19.63 -7.26 -4.26
C VAL A 360 20.98 -6.77 -4.79
N GLN A 361 21.81 -7.71 -5.26
CA GLN A 361 23.13 -7.33 -5.77
C GLN A 361 23.02 -6.29 -6.88
N LYS A 362 22.12 -6.51 -7.84
CA LYS A 362 21.97 -5.57 -8.93
C LYS A 362 21.48 -4.19 -8.45
N ASP A 363 20.57 -4.15 -7.47
CA ASP A 363 20.10 -2.84 -6.97
C ASP A 363 21.22 -2.10 -6.24
N MET A 364 22.01 -2.86 -5.47
CA MET A 364 23.13 -2.28 -4.72
C MET A 364 24.20 -1.69 -5.64
N ALA A 365 24.45 -2.34 -6.77
CA ALA A 365 25.41 -1.82 -7.74
C ALA A 365 25.01 -0.46 -8.28
N ILE A 366 23.72 -0.28 -8.58
CA ILE A 366 23.21 1.04 -8.96
C ILE A 366 23.33 2.07 -7.82
N MET A 367 22.99 1.64 -6.61
CA MET A 367 23.05 2.52 -5.46
C MET A 367 24.49 3.03 -5.26
N ILE A 368 25.45 2.14 -5.44
CA ILE A 368 26.85 2.49 -5.18
C ILE A 368 27.38 3.44 -6.27
N GLU A 369 27.09 3.15 -7.53
CA GLU A 369 27.48 4.07 -8.58
C GLU A 369 26.83 5.46 -8.48
N ASP A 370 25.57 5.55 -8.08
CA ASP A 370 24.94 6.87 -7.86
C ASP A 370 25.61 7.60 -6.69
N GLU A 371 25.90 6.88 -5.61
CA GLU A 371 26.52 7.48 -4.42
C GLU A 371 27.93 7.98 -4.76
N LYS A 372 28.66 7.23 -5.57
CA LYS A 372 30.02 7.64 -5.98
C LYS A 372 29.94 8.98 -6.70
N ALA A 373 29.02 9.12 -7.65
CA ALA A 373 28.89 10.35 -8.42
C ALA A 373 28.47 11.53 -7.55
N LEU A 374 27.51 11.32 -6.65
CA LEU A 374 27.06 12.41 -5.77
C LEU A 374 28.17 12.92 -4.84
N ARG A 375 28.98 12.02 -4.28
CA ARG A 375 30.05 12.44 -3.35
C ARG A 375 31.12 13.26 -4.09
N GLU A 376 31.42 12.90 -5.34
CA GLU A 376 32.39 13.65 -6.15
C GLU A 376 31.90 15.06 -6.43
N THR A 377 30.63 15.17 -6.79
CA THR A 377 29.98 16.48 -6.95
C THR A 377 30.04 17.38 -5.72
N VAL A 378 29.75 16.88 -4.52
CA VAL A 378 29.76 17.76 -3.37
C VAL A 378 31.21 18.10 -2.95
N ARG A 379 32.17 17.20 -3.20
CA ARG A 379 33.59 17.55 -2.99
C ARG A 379 33.99 18.75 -3.89
N LYS A 380 33.57 18.74 -5.15
CA LYS A 380 33.85 19.87 -6.05
C LYS A 380 33.13 21.15 -5.67
N LEU A 381 32.17 21.07 -4.74
CA LEU A 381 31.50 22.27 -4.24
C LEU A 381 32.26 22.83 -3.06
N GLY A 382 33.30 22.10 -2.64
CA GLY A 382 34.16 22.61 -1.59
C GLY A 382 33.84 22.06 -0.22
N VAL A 383 33.04 21.00 -0.16
CA VAL A 383 32.80 20.33 1.10
C VAL A 383 33.94 19.36 1.32
N ILE A 384 34.69 19.56 2.40
CA ILE A 384 35.91 18.79 2.60
C ILE A 384 35.87 17.90 3.83
N ASP A 385 35.46 18.48 4.95
CA ASP A 385 35.35 17.71 6.19
C ASP A 385 34.31 16.58 6.09
N SER A 386 34.55 15.46 6.75
CA SER A 386 33.59 14.38 6.75
C SER A 386 33.67 13.59 8.06
N GLU A 387 32.61 12.82 8.37
CA GLU A 387 32.57 11.96 9.55
C GLU A 387 31.50 10.87 9.36
N ARG A 388 31.84 9.64 9.72
CA ARG A 388 30.87 8.54 9.66
C ARG A 388 29.68 8.81 10.59
N MET A 389 28.49 8.34 10.21
CA MET A 389 27.29 8.55 11.05
C MET A 389 26.32 7.39 10.91
N ASP A 390 25.88 6.81 12.04
CA ASP A 390 24.92 5.69 12.00
C ASP A 390 23.45 6.17 11.83
N PHE A 391 23.09 6.56 10.62
CA PHE A 391 21.75 7.12 10.34
C PHE A 391 20.61 6.26 10.84
N GLU A 392 20.78 4.93 10.83
CA GLU A 392 19.67 4.06 11.21
C GLU A 392 19.27 4.21 12.68
N LEU A 393 20.13 4.85 13.50
CA LEU A 393 19.81 5.11 14.91
C LEU A 393 18.92 6.35 15.12
N LEU A 394 18.91 7.28 14.18
CA LEU A 394 18.09 8.49 14.31
C LEU A 394 16.63 8.19 14.02
N PRO A 395 15.72 8.73 14.83
CA PRO A 395 14.29 8.74 14.45
C PRO A 395 14.12 9.36 13.07
N ASP A 396 13.16 8.88 12.29
CA ASP A 396 12.97 9.39 10.92
C ASP A 396 12.86 10.91 10.82
N ASP A 397 12.15 11.51 11.77
CA ASP A 397 11.92 12.95 11.74
C ASP A 397 13.18 13.73 12.10
N GLU A 398 14.24 13.03 12.51
CA GLU A 398 15.51 13.71 12.67
C GLU A 398 16.46 13.47 11.49
N ARG A 399 16.02 12.79 10.44
CA ARG A 399 16.91 12.63 9.30
C ARG A 399 16.25 12.80 7.96
N GLN A 400 15.30 13.74 7.88
CA GLN A 400 14.71 14.08 6.58
C GLN A 400 15.40 15.32 5.98
N CYS A 401 15.67 15.28 4.67
CA CYS A 401 16.19 16.46 3.97
C CYS A 401 15.27 17.66 4.14
N VAL A 402 15.82 18.76 4.65
CA VAL A 402 15.11 20.03 4.86
C VAL A 402 14.34 20.45 3.60
N LYS A 403 14.93 20.20 2.44
CA LYS A 403 14.33 20.58 1.17
C LYS A 403 13.32 19.57 0.64
N CYS A 404 13.75 18.34 0.34
CA CYS A 404 12.87 17.40 -0.39
C CYS A 404 12.19 16.32 0.48
N LYS A 405 12.41 16.38 1.79
CA LYS A 405 11.86 15.46 2.80
C LYS A 405 12.29 13.97 2.70
N THR A 406 13.26 13.62 1.85
CA THR A 406 13.66 12.21 1.73
C THR A 406 14.32 11.74 3.07
N THR A 407 14.15 10.46 3.42
CA THR A 407 14.79 9.90 4.61
C THR A 407 16.26 9.57 4.28
N CYS A 408 17.20 10.28 4.91
CA CYS A 408 18.64 10.01 4.64
C CYS A 408 19.14 8.69 5.23
N PHE A 409 20.05 8.01 4.51
CA PHE A 409 20.73 6.86 5.08
C PHE A 409 22.19 6.73 4.57
N MET A 410 22.40 6.78 3.25
CA MET A 410 23.75 6.66 2.70
C MET A 410 24.61 7.84 3.10
N SER A 411 24.02 9.05 3.04
CA SER A 411 24.74 10.29 3.33
C SER A 411 23.87 11.54 3.40
N ALA A 412 24.45 12.58 4.00
CA ALA A 412 23.78 13.85 4.17
C ALA A 412 24.84 14.91 4.40
N ILE A 413 24.44 16.17 4.28
CA ILE A 413 25.29 17.31 4.64
C ILE A 413 24.73 18.04 5.86
N SER A 414 25.61 18.35 6.81
CA SER A 414 25.25 19.15 7.96
C SER A 414 26.13 20.40 8.04
N CYS A 415 25.74 21.32 8.90
CA CYS A 415 26.53 22.51 9.21
C CYS A 415 26.37 22.89 10.68
N SER A 416 27.50 23.14 11.37
CA SER A 416 27.53 23.62 12.76
C SER A 416 26.66 24.86 13.02
N CYS A 417 26.57 25.71 12.01
CA CYS A 417 25.64 26.82 11.89
C CYS A 417 24.13 26.52 12.05
N LYS A 418 23.66 25.33 11.67
CA LYS A 418 22.25 24.95 11.88
C LYS A 418 22.12 23.56 12.50
N PRO A 419 22.38 23.47 13.81
CA PRO A 419 22.48 22.17 14.51
C PRO A 419 21.26 21.29 14.28
N GLY A 420 21.47 20.00 14.02
CA GLY A 420 20.35 19.08 13.85
C GLY A 420 19.69 19.04 12.47
N LEU A 421 19.92 20.04 11.63
CA LEU A 421 19.36 20.02 10.25
C LEU A 421 20.26 19.31 9.25
N LEU A 422 19.63 18.65 8.27
CA LEU A 422 20.31 17.86 7.25
C LEU A 422 19.73 18.14 5.89
N VAL A 423 20.57 18.03 4.85
CA VAL A 423 20.08 17.96 3.47
C VAL A 423 20.65 16.73 2.82
N CYS A 424 19.97 16.15 1.84
CA CYS A 424 20.56 15.05 1.08
C CYS A 424 21.58 15.67 0.12
N LEU A 425 22.30 14.85 -0.61
CA LEU A 425 23.39 15.39 -1.43
C LEU A 425 22.87 16.05 -2.71
N HIS A 426 21.58 15.90 -3.03
CA HIS A 426 20.95 16.68 -4.12
C HIS A 426 20.68 18.13 -3.73
N HIS A 427 20.64 18.44 -2.45
CA HIS A 427 20.23 19.77 -2.02
C HIS A 427 21.25 20.48 -1.12
N VAL A 428 22.52 20.23 -1.40
CA VAL A 428 23.61 20.86 -0.66
C VAL A 428 23.47 22.38 -0.54
N LYS A 429 22.97 23.04 -1.58
CA LYS A 429 22.86 24.50 -1.56
C LYS A 429 21.66 25.04 -0.77
N GLU A 430 20.89 24.15 -0.15
CA GLU A 430 19.65 24.55 0.53
C GLU A 430 19.72 24.57 2.05
N LEU A 431 20.89 24.26 2.60
CA LEU A 431 20.98 24.13 4.05
C LEU A 431 21.12 25.48 4.78
N CYS A 432 22.05 26.33 4.33
CA CYS A 432 22.27 27.63 5.00
C CYS A 432 23.15 28.51 4.12
N SER A 433 23.57 29.65 4.64
CA SER A 433 24.35 30.57 3.81
C SER A 433 25.83 30.61 4.19
N CYS A 434 26.29 29.69 5.04
CA CYS A 434 27.72 29.60 5.36
C CYS A 434 28.53 29.13 4.15
N PRO A 435 29.84 29.45 4.10
CA PRO A 435 30.65 28.87 3.03
C PRO A 435 30.82 27.36 3.18
N PRO A 436 30.93 26.67 2.04
CA PRO A 436 31.01 25.20 1.97
C PRO A 436 32.12 24.55 2.82
N TYR A 437 33.20 25.25 3.13
CA TYR A 437 34.22 24.62 4.00
C TYR A 437 33.72 24.45 5.44
N LYS A 438 32.68 25.18 5.82
CA LYS A 438 32.06 24.94 7.12
C LYS A 438 31.08 23.74 7.16
N TYR A 439 30.85 23.08 6.03
CA TYR A 439 29.91 21.95 5.97
C TYR A 439 30.60 20.65 6.28
N LYS A 440 29.81 19.64 6.61
CA LYS A 440 30.39 18.34 6.87
C LYS A 440 29.61 17.27 6.11
N LEU A 441 30.29 16.38 5.40
CA LEU A 441 29.64 15.22 4.83
C LEU A 441 29.50 14.11 5.87
N ARG A 442 28.26 13.71 6.18
CA ARG A 442 27.99 12.59 7.11
C ARG A 442 27.67 11.36 6.27
N TYR A 443 28.35 10.25 6.50
CA TYR A 443 28.21 9.08 5.61
C TYR A 443 28.08 7.81 6.43
N ARG A 444 27.29 6.85 5.95
CA ARG A 444 27.13 5.59 6.68
C ARG A 444 28.31 4.63 6.42
N TYR A 445 28.74 4.54 5.16
CA TYR A 445 29.78 3.60 4.71
C TYR A 445 30.75 4.32 3.79
N THR A 446 32.05 3.98 3.86
CA THR A 446 32.97 4.39 2.80
C THR A 446 32.69 3.51 1.57
N LEU A 447 33.01 3.99 0.38
CA LEU A 447 33.00 3.15 -0.81
C LEU A 447 33.75 1.84 -0.61
N ASP A 448 34.85 1.88 0.15
CA ASP A 448 35.59 0.66 0.49
C ASP A 448 34.88 -0.30 1.45
N ASP A 449 33.95 0.17 2.27
CA ASP A 449 33.09 -0.75 3.04
C ASP A 449 32.07 -1.41 2.11
N LEU A 450 31.58 -0.65 1.15
CA LEU A 450 30.46 -1.05 0.32
C LEU A 450 30.79 -2.20 -0.65
N TYR A 451 31.92 -2.12 -1.36
CA TYR A 451 32.20 -3.14 -2.38
C TYR A 451 32.30 -4.58 -1.82
N PRO A 452 32.88 -4.79 -0.61
CA PRO A 452 32.82 -6.14 -0.04
C PRO A 452 31.40 -6.63 0.36
N MET A 453 30.48 -5.71 0.69
CA MET A 453 29.12 -6.09 1.05
C MET A 453 28.46 -6.64 -0.20
N MET A 454 28.72 -5.97 -1.32
CA MET A 454 28.14 -6.41 -2.56
C MET A 454 28.75 -7.75 -3.03
N ASN A 455 30.05 -7.92 -2.77
N ASN A 455 30.03 -7.95 -2.75
CA ASN A 455 30.74 -9.19 -3.07
CA ASN A 455 30.69 -9.19 -3.11
C ASN A 455 30.15 -10.39 -2.33
C ASN A 455 30.20 -10.41 -2.32
N ALA A 456 29.76 -10.20 -1.08
CA ALA A 456 29.14 -11.26 -0.31
C ALA A 456 27.85 -11.73 -0.98
N LEU A 457 27.09 -10.79 -1.56
CA LEU A 457 25.86 -11.11 -2.29
C LEU A 457 26.19 -11.91 -3.54
N LYS A 458 27.25 -11.51 -4.22
CA LYS A 458 27.67 -12.19 -5.43
C LYS A 458 28.01 -13.67 -5.16
N LEU A 459 28.78 -13.92 -4.10
CA LEU A 459 29.10 -15.29 -3.66
C LEU A 459 27.87 -16.10 -3.31
N ARG A 460 26.95 -15.53 -2.54
CA ARG A 460 25.75 -16.26 -2.15
C ARG A 460 24.89 -16.60 -3.37
N ALA A 461 24.86 -15.70 -4.34
CA ALA A 461 24.13 -15.92 -5.58
C ALA A 461 24.86 -16.89 -6.51
N GLU A 462 26.15 -17.12 -6.23
CA GLU A 462 27.06 -17.89 -7.10
C GLU A 462 27.16 -17.27 -8.48
ZN ZN B . 16.92 16.55 -0.55
S DMS C . -3.89 -2.16 3.13
O DMS C . -5.15 -1.68 2.42
C1 DMS C . -2.90 -0.66 3.50
C2 DMS C . -2.89 -2.87 1.81
S DMS D . -11.61 6.86 1.75
O DMS D . -10.53 6.30 0.91
C1 DMS D . -10.90 8.03 2.97
C2 DMS D . -12.16 5.56 2.89
S DMS E . 22.53 -1.50 8.38
O DMS E . 22.55 -0.36 9.38
C1 DMS E . 20.94 -1.45 7.52
C2 DMS E . 22.48 -3.13 9.22
MN MN F . -5.16 -0.04 -1.78
N1 EPE G . 0.10 11.88 -5.49
C2 EPE G . -0.26 12.73 -4.33
C3 EPE G . -1.53 13.53 -4.57
N4 EPE G . -2.62 12.81 -5.24
C5 EPE G . -2.25 11.81 -6.24
C6 EPE G . -1.03 10.99 -5.82
C7 EPE G . -3.82 13.57 -5.50
C8 EPE G . -5.15 12.90 -5.14
O8 EPE G . -5.23 11.57 -5.60
C9 EPE G . 1.25 11.05 -5.11
C10 EPE G . 1.89 10.31 -6.29
S EPE G . 3.22 9.22 -5.68
O1S EPE G . 3.72 8.30 -6.70
O2S EPE G . 2.69 8.49 -4.54
O3S EPE G . 4.31 10.11 -5.29
C1 EDO H . 20.32 9.50 0.96
O1 EDO H . 20.96 9.56 2.27
C2 EDO H . 20.40 8.10 0.30
O2 EDO H . 20.29 6.98 1.22
C1 EDO I . -12.72 -1.91 11.90
O1 EDO I . -12.84 -2.37 10.55
C2 EDO I . -11.59 -2.71 12.53
O2 EDO I . -11.29 -2.11 13.80
C1 EDO J . 34.17 10.68 2.46
O1 EDO J . 33.47 9.89 1.46
C2 EDO J . 34.66 9.69 3.50
O2 EDO J . 34.66 8.40 2.83
C1 EDO K . 20.68 7.36 -3.04
O1 EDO K . 20.34 6.00 -3.35
C2 EDO K . 22.09 7.62 -3.58
O2 EDO K . 22.75 6.35 -3.72
C1 EDO L . 4.60 1.47 -13.52
O1 EDO L . 4.82 0.93 -14.82
C2 EDO L . 5.85 2.16 -12.99
O2 EDO L . 6.06 3.44 -13.61
C1 EDO M . 33.98 15.02 1.62
O1 EDO M . 33.70 15.77 0.42
C2 EDO M . 35.36 14.37 1.51
O2 EDO M . 36.35 15.41 1.56
C1 EDO N . 16.97 17.04 9.69
O1 EDO N . 16.67 17.88 8.55
C2 EDO N . 15.74 16.70 10.57
O2 EDO N . 14.77 15.86 9.88
C1 EDO O . -9.67 -0.03 -22.57
O1 EDO O . -10.78 -0.04 -23.51
C2 EDO O . -10.12 -0.40 -21.16
O2 EDO O . -11.14 0.49 -20.67
C1 EDO P . 31.00 12.86 -10.78
O1 EDO P . 29.73 13.41 -10.40
C2 EDO P . 30.85 11.43 -11.30
O2 EDO P . 30.33 11.40 -12.63
CL CL Q . -23.89 13.61 -3.28
C 0TI R . -9.27 2.12 2.30
F 0TI R . -10.51 3.30 3.91
N 0TI R . -10.27 -1.12 0.73
O 0TI R . -11.65 -2.96 0.65
C1 0TI R . -9.15 1.01 1.47
O1 0TI R . -13.51 -1.04 1.96
C2 0TI R . -10.16 0.05 1.47
C3 0TI R . -11.30 0.20 2.26
C4 0TI R . -11.44 1.33 3.05
C5 0TI R . -10.41 2.25 3.07
C6 0TI R . -12.12 -1.08 2.19
C7 0TI R . -11.36 -1.84 1.06
MN MN S . 14.05 20.70 -6.33
#